data_6Q8G
#
_entry.id   6Q8G
#
_cell.length_a   56.445
_cell.length_b   72.085
_cell.length_c   123.593
_cell.angle_alpha   90.000
_cell.angle_beta   90.000
_cell.angle_gamma   90.000
#
_symmetry.space_group_name_H-M   'P 21 21 21'
#
loop_
_entity.id
_entity.type
_entity.pdbx_description
1 polymer 'Fucose-binding lectin'
2 polymer SB8
3 non-polymer 'CALCIUM ION'
4 non-polymer '3,7-anhydro-2,8-dideoxy-L-glycero-D-gluco-octonic acid'
5 non-polymer 'AMINO GROUP'
6 water water
#
loop_
_entity_poly.entity_id
_entity_poly.type
_entity_poly.pdbx_seq_one_letter_code
_entity_poly.pdbx_strand_id
1 'polypeptide(L)'
;ATQGVFTLPANTRFGVTAFANSSGTQTVNVLVNNETAATFSGQSTNNAVIGTQVLNSGSSGKVQVQVSVNGRPSDLVSAQ
VILTNELNFALVGSEDGTDNDYNDAVVVINWPLG
;
A,B,C,D
2 'polypeptide(D)' (DLY)(DLY)(DAL)(DLE)(DLY)(DLY)(DLE)(DAL)(DLY)(DLE)(DLE) E,F,G
#
loop_
_chem_comp.id
_chem_comp.type
_chem_comp.name
_chem_comp.formula
CA non-polymer 'CALCIUM ION' 'Ca 2'
NH2 non-polymer 'AMINO GROUP' 'H2 N'
ZDC D-saccharide '3,7-anhydro-2,8-dideoxy-L-glycero-D-gluco-octonic acid' 'C8 H14 O6'
#
# COMPACT_ATOMS: atom_id res chain seq x y z
N ALA A 1 -0.27 10.57 -14.67
CA ALA A 1 -1.45 9.72 -14.52
C ALA A 1 -2.48 10.38 -13.62
N THR A 2 -3.73 10.03 -13.84
CA THR A 2 -4.79 10.51 -12.97
C THR A 2 -4.55 9.98 -11.56
N GLN A 3 -4.78 10.85 -10.57
CA GLN A 3 -4.66 10.52 -9.18
C GLN A 3 -5.90 10.99 -8.43
N GLY A 4 -6.16 10.35 -7.29
CA GLY A 4 -7.29 10.71 -6.48
C GLY A 4 -8.61 10.15 -6.91
N VAL A 5 -8.62 9.21 -7.86
CA VAL A 5 -9.84 8.58 -8.37
C VAL A 5 -9.80 7.11 -8.00
N PHE A 6 -10.87 6.62 -7.41
CA PHE A 6 -10.94 5.24 -6.94
C PHE A 6 -12.27 4.62 -7.29
N THR A 7 -12.28 3.35 -7.70
CA THR A 7 -13.53 2.62 -7.91
C THR A 7 -13.77 1.72 -6.69
N LEU A 8 -14.72 2.09 -5.88
CA LEU A 8 -15.13 1.30 -4.74
C LEU A 8 -16.17 0.30 -5.20
N PRO A 9 -16.45 -0.72 -4.39
CA PRO A 9 -17.64 -1.55 -4.66
C PRO A 9 -18.88 -0.67 -4.65
N ALA A 10 -19.87 -1.07 -5.44
CA ALA A 10 -21.09 -0.29 -5.53
C ALA A 10 -21.84 -0.26 -4.20
N ASN A 11 -22.52 0.86 -3.96
CA ASN A 11 -23.48 0.96 -2.87
C ASN A 11 -22.86 0.61 -1.52
N THR A 12 -21.66 1.11 -1.27
CA THR A 12 -20.90 0.76 -0.08
C THR A 12 -20.62 2.04 0.72
N ARG A 13 -20.92 1.99 1.99
CA ARG A 13 -20.58 3.10 2.86
C ARG A 13 -19.07 3.13 3.10
N PHE A 14 -18.51 4.33 3.07
CA PHE A 14 -17.09 4.49 3.29
C PHE A 14 -16.85 5.72 4.14
N GLY A 15 -15.73 5.71 4.86
CA GLY A 15 -15.30 6.88 5.61
C GLY A 15 -14.34 7.70 4.79
N VAL A 16 -14.40 9.02 4.93
CA VAL A 16 -13.39 9.90 4.36
C VAL A 16 -12.99 10.90 5.41
N THR A 17 -11.68 11.06 5.60
CA THR A 17 -11.11 11.92 6.64
C THR A 17 -9.96 12.70 6.04
N ALA A 18 -9.87 13.97 6.34
CA ALA A 18 -8.79 14.81 5.81
C ALA A 18 -8.04 15.48 6.96
N PHE A 19 -6.72 15.56 6.78
CA PHE A 19 -5.79 16.18 7.71
C PHE A 19 -5.07 17.28 6.96
N ALA A 20 -4.65 18.33 7.66
CA ALA A 20 -3.95 19.45 7.02
C ALA A 20 -2.56 19.63 7.61
N ASN A 21 -1.60 19.98 6.74
CA ASN A 21 -0.21 20.24 7.10
C ASN A 21 0.36 21.31 6.16
N SER A 22 -0.07 22.55 6.33
CA SER A 22 0.28 23.61 5.39
C SER A 22 -0.13 24.94 5.97
N SER A 23 0.60 26.00 5.60
CA SER A 23 0.12 27.32 5.93
C SER A 23 -1.11 27.71 5.11
N GLY A 24 -1.36 27.05 3.98
CA GLY A 24 -2.54 27.39 3.17
C GLY A 24 -3.77 26.67 3.69
N THR A 25 -4.90 27.37 3.62
CA THR A 25 -6.17 26.73 3.93
C THR A 25 -6.52 25.71 2.85
N GLN A 26 -6.77 24.48 3.27
CA GLN A 26 -7.05 23.38 2.34
C GLN A 26 -8.56 23.25 2.15
N THR A 27 -8.97 23.02 0.92
CA THR A 27 -10.36 22.66 0.62
C THR A 27 -10.35 21.32 -0.06
N VAL A 28 -11.02 20.35 0.54
CA VAL A 28 -11.08 18.99 0.04
C VAL A 28 -12.50 18.72 -0.42
N ASN A 29 -12.68 18.40 -1.70
CA ASN A 29 -13.97 18.04 -2.24
C ASN A 29 -13.96 16.55 -2.53
N VAL A 30 -15.01 15.86 -2.12
CA VAL A 30 -15.15 14.44 -2.39
C VAL A 30 -16.34 14.26 -3.30
N LEU A 31 -16.10 13.69 -4.47
CA LEU A 31 -17.13 13.49 -5.49
C LEU A 31 -17.51 12.02 -5.53
N VAL A 32 -18.78 11.74 -5.68
CA VAL A 32 -19.26 10.38 -5.93
C VAL A 32 -20.01 10.44 -7.25
N ASN A 33 -19.64 9.57 -8.19
CA ASN A 33 -20.10 9.65 -9.59
C ASN A 33 -20.13 11.08 -10.13
N ASN A 34 -19.04 11.80 -9.92
CA ASN A 34 -18.80 13.16 -10.40
C ASN A 34 -19.69 14.24 -9.78
N GLU A 35 -20.45 13.96 -8.72
CA GLU A 35 -21.20 14.97 -7.97
C GLU A 35 -20.57 15.17 -6.60
N THR A 36 -20.48 16.43 -6.18
CA THR A 36 -19.88 16.71 -4.88
C THR A 36 -20.74 16.14 -3.76
N ALA A 37 -20.14 15.34 -2.90
CA ALA A 37 -20.83 14.71 -1.78
C ALA A 37 -20.36 15.22 -0.43
N ALA A 38 -19.14 15.74 -0.33
CA ALA A 38 -18.67 16.32 0.90
C ALA A 38 -17.62 17.33 0.57
N THR A 39 -17.51 18.35 1.41
CA THR A 39 -16.46 19.35 1.27
C THR A 39 -15.93 19.68 2.65
N PHE A 40 -14.62 19.59 2.82
CA PHE A 40 -13.96 19.93 4.07
C PHE A 40 -13.03 21.12 3.83
N SER A 41 -12.92 22.01 4.81
CA SER A 41 -11.97 23.10 4.70
C SER A 41 -11.35 23.37 6.06
N GLY A 42 -10.07 23.70 6.06
CA GLY A 42 -9.43 24.08 7.30
C GLY A 42 -7.95 24.32 7.09
N GLN A 43 -7.31 24.80 8.15
CA GLN A 43 -5.89 25.12 8.09
C GLN A 43 -5.22 24.57 9.33
N SER A 44 -4.10 23.87 9.13
CA SER A 44 -3.27 23.39 10.24
C SER A 44 -1.89 23.10 9.70
N THR A 45 -0.87 23.31 10.53
CA THR A 45 0.45 22.75 10.26
C THR A 45 0.78 21.59 11.18
N ASN A 46 -0.24 21.05 11.87
CA ASN A 46 -0.04 20.01 12.88
C ASN A 46 -0.98 18.85 12.69
N ASN A 47 -1.37 18.55 11.45
CA ASN A 47 -2.12 17.34 11.15
C ASN A 47 -3.53 17.37 11.71
N ALA A 48 -4.11 18.54 11.95
CA ALA A 48 -5.46 18.55 12.48
C ALA A 48 -6.43 17.91 11.49
N VAL A 49 -7.43 17.22 12.03
CA VAL A 49 -8.53 16.72 11.21
C VAL A 49 -9.38 17.92 10.79
N ILE A 50 -9.46 18.16 9.48
CA ILE A 50 -10.30 19.22 8.96
C ILE A 50 -11.67 18.73 8.54
N GLY A 51 -11.90 17.44 8.51
CA GLY A 51 -13.23 16.92 8.27
C GLY A 51 -13.21 15.42 8.31
N THR A 52 -14.35 14.81 8.65
CA THR A 52 -14.51 13.38 8.57
C THR A 52 -16.00 13.12 8.35
N GLN A 53 -16.34 12.15 7.51
CA GLN A 53 -17.73 11.96 7.14
C GLN A 53 -17.88 10.54 6.60
N VAL A 54 -19.10 10.01 6.68
CA VAL A 54 -19.45 8.74 6.06
C VAL A 54 -20.27 9.04 4.81
N LEU A 55 -19.86 8.47 3.69
CA LEU A 55 -20.53 8.64 2.41
C LEU A 55 -20.88 7.29 1.84
N ASN A 56 -21.64 7.29 0.74
CA ASN A 56 -22.04 6.08 0.05
C ASN A 56 -21.49 6.13 -1.36
N SER A 57 -20.88 5.02 -1.81
CA SER A 57 -20.22 5.00 -3.13
C SER A 57 -21.17 4.98 -4.32
N GLY A 58 -22.45 4.73 -4.12
CA GLY A 58 -23.41 4.78 -5.24
C GLY A 58 -23.24 3.65 -6.25
N SER A 59 -23.98 3.75 -7.34
CA SER A 59 -24.05 2.62 -8.26
C SER A 59 -22.75 2.41 -9.02
N SER A 60 -22.03 3.47 -9.37
CA SER A 60 -20.80 3.28 -10.12
C SER A 60 -19.63 2.92 -9.23
N GLY A 61 -19.70 3.28 -7.96
CA GLY A 61 -18.56 3.17 -7.06
C GLY A 61 -17.48 4.20 -7.26
N LYS A 62 -17.62 5.11 -8.24
CA LYS A 62 -16.53 6.05 -8.53
C LYS A 62 -16.47 7.15 -7.47
N VAL A 63 -15.33 7.29 -6.83
CA VAL A 63 -15.09 8.32 -5.84
C VAL A 63 -13.88 9.11 -6.28
N GLN A 64 -13.95 10.44 -6.23
CA GLN A 64 -12.82 11.26 -6.58
C GLN A 64 -12.55 12.26 -5.48
N VAL A 65 -11.28 12.44 -5.14
CA VAL A 65 -10.85 13.45 -4.18
C VAL A 65 -10.18 14.57 -4.94
N GLN A 66 -10.60 15.81 -4.68
CA GLN A 66 -9.97 16.99 -5.24
C GLN A 66 -9.53 17.89 -4.09
N VAL A 67 -8.36 18.50 -4.22
CA VAL A 67 -7.85 19.38 -3.19
C VAL A 67 -7.46 20.68 -3.85
N SER A 68 -7.85 21.80 -3.25
CA SER A 68 -7.43 23.09 -3.76
C SER A 68 -7.09 24.01 -2.60
N VAL A 69 -6.33 25.03 -2.91
CA VAL A 69 -5.93 26.04 -1.94
C VAL A 69 -6.17 27.37 -2.62
N ASN A 70 -7.04 28.20 -2.03
CA ASN A 70 -7.41 29.48 -2.64
C ASN A 70 -7.86 29.32 -4.09
N GLY A 71 -8.57 28.22 -4.36
CA GLY A 71 -9.13 27.95 -5.66
C GLY A 71 -8.20 27.25 -6.62
N ARG A 72 -6.94 27.10 -6.27
CA ARG A 72 -6.00 26.49 -7.18
C ARG A 72 -5.86 25.01 -6.89
N PRO A 73 -6.07 24.11 -7.86
CA PRO A 73 -5.92 22.67 -7.56
C PRO A 73 -4.50 22.33 -7.14
N SER A 74 -4.40 21.51 -6.10
CA SER A 74 -3.13 20.94 -5.68
C SER A 74 -2.80 19.73 -6.53
N ASP A 75 -1.49 19.42 -6.62
CA ASP A 75 -1.05 18.21 -7.27
C ASP A 75 -1.28 17.03 -6.33
N LEU A 76 -1.84 15.94 -6.83
CA LEU A 76 -2.19 14.79 -6.01
C LEU A 76 -1.30 13.57 -6.26
N VAL A 77 -1.14 12.78 -5.22
CA VAL A 77 -0.60 11.42 -5.31
C VAL A 77 -1.58 10.51 -4.60
N SER A 78 -1.71 9.28 -5.07
CA SER A 78 -2.70 8.40 -4.48
C SER A 78 -2.36 6.95 -4.73
N ALA A 79 -3.00 6.08 -3.96
CA ALA A 79 -2.95 4.64 -4.18
C ALA A 79 -4.04 4.02 -3.34
N GLN A 80 -4.40 2.77 -3.69
CA GLN A 80 -5.31 2.00 -2.88
C GLN A 80 -4.59 0.76 -2.38
N VAL A 81 -4.82 0.39 -1.13
CA VAL A 81 -4.20 -0.79 -0.53
C VAL A 81 -5.29 -1.61 0.12
N ILE A 82 -5.20 -2.93 -0.04
CA ILE A 82 -6.19 -3.87 0.50
C ILE A 82 -5.45 -4.87 1.37
N LEU A 83 -5.91 -5.01 2.61
CA LEU A 83 -5.34 -5.94 3.58
C LEU A 83 -6.31 -7.09 3.81
N THR A 84 -5.75 -8.30 3.89
CA THR A 84 -6.48 -9.56 4.07
C THR A 84 -7.69 -9.65 3.14
N ASN A 85 -7.57 -9.07 1.95
CA ASN A 85 -8.59 -9.16 0.92
C ASN A 85 -9.91 -8.57 1.34
N GLU A 86 -9.89 -7.69 2.34
CA GLU A 86 -11.13 -7.23 2.95
C GLU A 86 -11.10 -5.75 3.29
N LEU A 87 -10.02 -5.30 3.91
CA LEU A 87 -9.95 -3.96 4.48
C LEU A 87 -9.27 -3.06 3.46
N ASN A 88 -9.94 -1.98 3.08
CA ASN A 88 -9.50 -1.14 1.98
C ASN A 88 -9.16 0.26 2.47
N PHE A 89 -8.04 0.77 2.01
CA PHE A 89 -7.68 2.16 2.19
C PHE A 89 -7.42 2.78 0.83
N ALA A 90 -8.04 3.92 0.57
CA ALA A 90 -7.72 4.76 -0.58
C ALA A 90 -7.06 6.02 -0.04
N LEU A 91 -5.85 6.29 -0.47
CA LEU A 91 -4.96 7.24 0.19
C LEU A 91 -4.63 8.36 -0.79
N VAL A 92 -4.67 9.59 -0.31
CA VAL A 92 -4.34 10.75 -1.14
C VAL A 92 -3.42 11.68 -0.37
N GLY A 93 -2.35 12.12 -1.04
CA GLY A 93 -1.56 13.24 -0.58
C GLY A 93 -1.65 14.37 -1.59
N SER A 94 -1.34 15.58 -1.16
CA SER A 94 -1.49 16.71 -2.07
C SER A 94 -0.42 17.74 -1.76
N GLU A 95 -0.04 18.47 -2.80
CA GLU A 95 1.03 19.45 -2.72
C GLU A 95 0.51 20.78 -3.25
N ASP A 96 0.56 21.80 -2.41
CA ASP A 96 0.10 23.12 -2.78
C ASP A 96 1.23 24.10 -3.11
N GLY A 97 2.47 23.67 -3.01
CA GLY A 97 3.61 24.56 -3.13
C GLY A 97 4.76 23.88 -3.82
N THR A 98 5.98 24.12 -3.34
CA THR A 98 7.18 23.68 -4.02
C THR A 98 8.05 22.74 -3.20
N ASP A 99 7.71 22.45 -1.94
CA ASP A 99 8.59 21.62 -1.13
C ASP A 99 8.37 20.14 -1.34
N ASN A 100 7.29 19.74 -2.00
CA ASN A 100 7.05 18.35 -2.36
C ASN A 100 7.01 17.43 -1.15
N ASP A 101 6.43 17.90 -0.05
CA ASP A 101 6.14 16.98 1.04
C ASP A 101 4.83 16.25 0.84
N TYR A 102 3.95 16.74 -0.02
CA TYR A 102 2.73 16.03 -0.40
C TYR A 102 1.83 15.72 0.80
N ASN A 103 1.94 16.46 1.89
CA ASN A 103 1.11 16.25 3.06
C ASN A 103 0.17 17.42 3.31
N ASP A 104 0.05 18.33 2.36
CA ASP A 104 -0.59 19.62 2.67
C ASP A 104 -2.06 19.42 3.00
N ALA A 105 -2.73 18.56 2.25
CA ALA A 105 -3.92 17.88 2.73
C ALA A 105 -3.67 16.40 2.50
N VAL A 106 -3.92 15.60 3.52
CA VAL A 106 -3.83 14.15 3.45
C VAL A 106 -5.24 13.62 3.61
N VAL A 107 -5.68 12.78 2.70
CA VAL A 107 -7.05 12.28 2.73
C VAL A 107 -7.01 10.76 2.78
N VAL A 108 -7.76 10.18 3.72
CA VAL A 108 -7.84 8.74 3.86
C VAL A 108 -9.28 8.33 3.72
N ILE A 109 -9.53 7.41 2.79
CA ILE A 109 -10.83 6.78 2.60
C ILE A 109 -10.70 5.34 3.06
N ASN A 110 -11.66 4.88 3.85
CA ASN A 110 -11.60 3.52 4.37
C ASN A 110 -12.96 2.82 4.25
N TRP A 111 -12.94 1.54 3.91
CA TRP A 111 -14.14 0.72 3.89
C TRP A 111 -13.70 -0.73 4.07
N PRO A 112 -14.60 -1.63 4.48
CA PRO A 112 -16.00 -1.39 4.84
C PRO A 112 -16.12 -0.73 6.21
N LEU A 113 -17.31 -0.24 6.50
CA LEU A 113 -17.66 0.30 7.80
C LEU A 113 -18.57 -0.66 8.54
N GLY A 114 -18.83 -0.36 9.81
CA GLY A 114 -19.83 -1.10 10.57
C GLY A 114 -19.29 -2.27 11.37
N DLY B 1 2.66 28.27 1.22
CA DLY B 1 2.21 29.60 1.59
C DLY B 1 3.37 30.60 1.62
O DLY B 1 3.27 31.63 2.29
CB DLY B 1 1.10 30.07 0.64
CG DLY B 1 -0.26 29.44 0.98
CD DLY B 1 -1.39 30.12 0.24
CE DLY B 1 -1.27 29.91 -1.26
NZ DLY B 1 -2.33 30.65 -2.00
N DLY B 2 4.46 30.29 0.95
CA DLY B 2 5.63 31.17 0.94
C DLY B 2 6.42 31.10 2.24
O DLY B 2 7.35 31.89 2.45
CB DLY B 2 6.53 30.87 -0.26
CG DLY B 2 6.01 31.38 -1.59
N DAL B 3 6.07 30.17 3.12
CA DAL B 3 6.78 30.00 4.39
CB DAL B 3 6.34 28.71 5.08
C DAL B 3 6.59 31.19 5.31
O DAL B 3 7.46 31.52 6.13
N DLE B 4 5.44 31.85 5.18
CA DLE B 4 5.10 32.97 6.04
CB DLE B 4 3.64 33.37 5.82
CG DLE B 4 2.64 32.25 6.07
CD1 DLE B 4 2.40 32.08 7.55
CD2 DLE B 4 1.34 32.51 5.33
C DLE B 4 6.02 34.16 5.77
O DLE B 4 6.52 34.80 6.69
N DLY B 5 6.25 34.44 4.50
CA DLY B 5 7.12 35.55 4.13
C DLY B 5 8.57 35.16 4.35
O DLY B 5 9.41 36.01 4.64
CB DLY B 5 6.86 36.00 2.70
CG DLY B 5 7.22 35.00 1.61
CD DLY B 5 6.70 35.49 0.28
CE DLY B 5 7.52 34.93 -0.87
NZ DLY B 5 7.53 35.85 -2.05
N DLY B 6 8.87 33.87 4.23
CA DLY B 6 10.20 33.38 4.55
C DLY B 6 10.52 33.67 6.01
O DLY B 6 11.62 34.13 6.34
CB DLY B 6 10.34 31.89 4.25
CG DLY B 6 11.73 31.34 4.49
CD DLY B 6 11.88 29.94 3.92
N DLE B 7 9.54 33.45 6.88
CA DLE B 7 9.70 33.72 8.30
CB DLE B 7 8.45 33.28 9.07
CG DLE B 7 8.47 33.54 10.57
CD1 DLE B 7 7.14 33.14 11.20
CD2 DLE B 7 9.61 32.79 11.23
C DLE B 7 9.97 35.20 8.54
O DLE B 7 10.83 35.57 9.34
N DAL B 8 9.22 36.03 7.83
CA DAL B 8 9.40 37.47 7.95
CB DAL B 8 8.30 38.20 7.21
C DAL B 8 10.78 37.89 7.43
O DAL B 8 11.40 38.79 7.99
N DLY B 9 11.25 37.24 6.38
CA DLY B 9 12.60 37.48 5.85
C DLY B 9 13.65 37.13 6.90
O DLY B 9 14.61 37.89 7.12
CB DLY B 9 12.84 36.67 4.59
CG DLY B 9 13.03 37.48 3.34
CD DLY B 9 14.10 36.89 2.44
CE DLY B 9 15.24 37.89 2.23
NZ DLY B 9 15.37 38.28 0.79
N DLE B 10 13.48 35.98 7.54
CA DLE B 10 14.40 35.53 8.58
CB DLE B 10 14.13 34.08 8.98
CG DLE B 10 14.26 33.05 7.86
CD1 DLE B 10 15.68 33.03 7.31
CD2 DLE B 10 13.82 31.66 8.35
C DLE B 10 14.32 36.44 9.80
O DLE B 10 15.27 36.55 10.57
N DLE B 11 13.18 37.10 9.96
CA DLE B 11 13.03 38.10 11.00
CB DLE B 11 11.55 38.46 11.21
CG DLE B 11 10.68 37.38 11.83
CD1 DLE B 11 11.14 37.09 13.26
CD2 DLE B 11 9.21 37.76 11.78
C DLE B 11 13.81 39.37 10.67
O DLE B 11 14.03 40.22 11.53
N ALA C 1 2.91 -13.55 10.87
CA ALA C 1 3.93 -12.49 10.92
C ALA C 1 3.47 -11.38 11.82
N THR C 2 4.42 -10.75 12.50
CA THR C 2 4.10 -9.62 13.36
C THR C 2 3.44 -8.50 12.54
N GLN C 3 2.46 -7.85 13.14
CA GLN C 3 1.71 -6.78 12.53
C GLN C 3 1.63 -5.60 13.48
N GLY C 4 1.41 -4.43 12.91
CA GLY C 4 1.25 -3.23 13.71
C GLY C 4 2.53 -2.65 14.27
N VAL C 5 3.69 -3.10 13.82
CA VAL C 5 4.99 -2.58 14.23
C VAL C 5 5.63 -1.88 13.03
N PHE C 6 6.08 -0.65 13.23
CA PHE C 6 6.63 0.15 12.15
C PHE C 6 7.89 0.84 12.59
N THR C 7 8.90 0.86 11.72
CA THR C 7 10.12 1.63 11.98
C THR C 7 10.00 2.98 11.28
N LEU C 8 9.88 4.02 12.04
CA LEU C 8 9.87 5.37 11.51
C LEU C 8 11.27 5.94 11.56
N PRO C 9 11.55 7.02 10.81
CA PRO C 9 12.78 7.76 11.08
C PRO C 9 12.77 8.25 12.51
N ALA C 10 13.95 8.29 13.13
CA ALA C 10 14.06 8.75 14.51
C ALA C 10 13.62 10.20 14.65
N ASN C 11 13.10 10.52 15.84
CA ASN C 11 12.84 11.90 16.27
C ASN C 11 11.95 12.64 15.28
N THR C 12 10.92 11.97 14.81
CA THR C 12 10.06 12.51 13.77
C THR C 12 8.63 12.55 14.28
N ARG C 13 7.99 13.69 14.13
CA ARG C 13 6.58 13.78 14.51
C ARG C 13 5.72 13.01 13.53
N PHE C 14 4.71 12.34 14.05
CA PHE C 14 3.78 11.59 13.23
C PHE C 14 2.39 11.73 13.81
N GLY C 15 1.39 11.62 12.94
CA GLY C 15 0.02 11.60 13.37
C GLY C 15 -0.44 10.16 13.57
N VAL C 16 -1.28 9.95 14.58
CA VAL C 16 -1.95 8.67 14.75
C VAL C 16 -3.43 8.92 15.00
N THR C 17 -4.29 8.22 14.26
CA THR C 17 -5.72 8.44 14.32
C THR C 17 -6.41 7.09 14.30
N ALA C 18 -7.40 6.90 15.15
CA ALA C 18 -8.12 5.64 15.21
C ALA C 18 -9.61 5.84 15.01
N PHE C 19 -10.20 4.89 14.29
CA PHE C 19 -11.62 4.86 13.98
C PHE C 19 -12.19 3.55 14.50
N ALA C 20 -13.45 3.56 14.91
CA ALA C 20 -14.11 2.36 15.40
C ALA C 20 -15.30 1.94 14.52
N ASN C 21 -15.43 0.62 14.33
CA ASN C 21 -16.52 0.02 13.58
C ASN C 21 -16.88 -1.33 14.23
N SER C 22 -17.47 -1.29 15.41
CA SER C 22 -17.75 -2.51 16.13
C SER C 22 -18.72 -2.22 17.26
N SER C 23 -19.50 -3.23 17.66
CA SER C 23 -20.28 -3.09 18.87
C SER C 23 -19.40 -3.19 20.11
N GLY C 24 -18.18 -3.70 20.00
CA GLY C 24 -17.29 -3.78 21.13
C GLY C 24 -16.51 -2.48 21.32
N THR C 25 -16.25 -2.14 22.58
CA THR C 25 -15.43 -0.97 22.87
C THR C 25 -13.98 -1.26 22.53
N GLN C 26 -13.41 -0.40 21.70
CA GLN C 26 -12.03 -0.61 21.24
C GLN C 26 -11.07 0.15 22.15
N THR C 27 -9.96 -0.49 22.48
CA THR C 27 -8.85 0.18 23.16
C THR C 27 -7.62 0.06 22.28
N VAL C 28 -7.12 1.19 21.82
CA VAL C 28 -5.95 1.25 20.95
C VAL C 28 -4.79 1.79 21.75
N ASN C 29 -3.72 1.00 21.85
CA ASN C 29 -2.51 1.43 22.54
C ASN C 29 -1.43 1.69 21.50
N VAL C 30 -0.81 2.84 21.59
CA VAL C 30 0.28 3.23 20.69
C VAL C 30 1.55 3.30 21.52
N LEU C 31 2.52 2.44 21.20
CA LEU C 31 3.78 2.39 21.92
C LEU C 31 4.86 3.02 21.08
N VAL C 32 5.72 3.79 21.73
CA VAL C 32 6.91 4.32 21.08
C VAL C 32 8.09 3.85 21.91
N ASN C 33 9.06 3.20 21.26
CA ASN C 33 10.19 2.60 21.96
C ASN C 33 9.74 1.68 23.10
N ASN C 34 8.68 0.91 22.85
CA ASN C 34 8.14 -0.10 23.75
C ASN C 34 7.45 0.47 24.99
N GLU C 35 7.13 1.76 25.01
CA GLU C 35 6.43 2.38 26.12
C GLU C 35 5.16 3.05 25.60
N THR C 36 4.07 2.91 26.35
CA THR C 36 2.81 3.50 25.89
C THR C 36 2.94 5.01 25.76
N ALA C 37 2.60 5.53 24.59
CA ALA C 37 2.64 6.96 24.31
C ALA C 37 1.27 7.57 24.12
N ALA C 38 0.29 6.77 23.73
CA ALA C 38 -1.08 7.23 23.59
C ALA C 38 -1.99 6.03 23.74
N THR C 39 -3.18 6.28 24.29
CA THR C 39 -4.21 5.26 24.39
C THR C 39 -5.52 5.90 23.97
N PHE C 40 -6.22 5.29 23.02
CA PHE C 40 -7.55 5.75 22.62
C PHE C 40 -8.56 4.67 22.96
N SER C 41 -9.75 5.08 23.38
CA SER C 41 -10.82 4.12 23.62
C SER C 41 -12.13 4.72 23.16
N GLY C 42 -13.01 3.88 22.63
CA GLY C 42 -14.32 4.34 22.26
C GLY C 42 -15.09 3.25 21.53
N GLN C 43 -16.34 3.56 21.23
CA GLN C 43 -17.21 2.60 20.59
C GLN C 43 -18.01 3.32 19.51
N SER C 44 -18.03 2.75 18.31
CA SER C 44 -18.84 3.28 17.22
C SER C 44 -18.99 2.15 16.22
N THR C 45 -20.14 2.10 15.55
CA THR C 45 -20.31 1.30 14.36
C THR C 45 -20.34 2.15 13.10
N ASN C 46 -19.95 3.42 13.21
CA ASN C 46 -20.07 4.37 12.10
C ASN C 46 -18.76 5.10 11.84
N ASN C 47 -17.63 4.45 12.10
CA ASN C 47 -16.32 4.98 11.75
C ASN C 47 -15.96 6.22 12.55
N ALA C 48 -16.53 6.42 13.73
CA ALA C 48 -16.19 7.60 14.50
C ALA C 48 -14.69 7.61 14.84
N VAL C 49 -14.11 8.81 14.82
CA VAL C 49 -12.76 9.00 15.33
C VAL C 49 -12.78 8.83 16.84
N ILE C 50 -12.07 7.82 17.34
CA ILE C 50 -11.97 7.63 18.78
C ILE C 50 -10.72 8.26 19.37
N GLY C 51 -9.81 8.70 18.53
CA GLY C 51 -8.68 9.48 19.01
C GLY C 51 -7.84 9.94 17.84
N THR C 52 -7.16 11.06 18.02
CA THR C 52 -6.17 11.54 17.07
C THR C 52 -5.14 12.35 17.86
N GLN C 53 -3.87 12.15 17.55
CA GLN C 53 -2.81 12.77 18.33
C GLN C 53 -1.57 12.88 17.47
N VAL C 54 -0.71 13.82 17.81
CA VAL C 54 0.62 13.92 17.24
C VAL C 54 1.62 13.41 18.27
N LEU C 55 2.48 12.48 17.85
CA LEU C 55 3.50 11.91 18.72
C LEU C 55 4.85 12.08 18.06
N ASN C 56 5.90 11.83 18.82
CA ASN C 56 7.27 11.84 18.32
C ASN C 56 7.83 10.43 18.35
N SER C 57 8.46 10.02 17.25
CA SER C 57 8.96 8.66 17.16
C SER C 57 10.18 8.40 18.03
N GLY C 58 10.80 9.44 18.58
CA GLY C 58 11.87 9.26 19.55
C GLY C 58 13.12 8.68 18.94
N SER C 59 14.05 8.31 19.85
CA SER C 59 15.39 7.90 19.43
C SER C 59 15.39 6.63 18.59
N SER C 60 14.46 5.70 18.85
CA SER C 60 14.44 4.42 18.18
C SER C 60 13.63 4.43 16.90
N GLY C 61 12.64 5.33 16.79
CA GLY C 61 11.70 5.28 15.69
C GLY C 61 10.72 4.11 15.74
N LYS C 62 10.76 3.27 16.78
CA LYS C 62 9.90 2.08 16.79
C LYS C 62 8.50 2.45 17.29
N VAL C 63 7.50 2.25 16.45
CA VAL C 63 6.12 2.52 16.81
C VAL C 63 5.31 1.24 16.71
N GLN C 64 4.52 0.95 17.73
CA GLN C 64 3.69 -0.26 17.73
C GLN C 64 2.26 0.10 18.08
N VAL C 65 1.33 -0.49 17.35
CA VAL C 65 -0.10 -0.34 17.59
C VAL C 65 -0.64 -1.67 18.06
N GLN C 66 -1.30 -1.68 19.22
CA GLN C 66 -1.99 -2.86 19.71
C GLN C 66 -3.45 -2.51 19.94
N VAL C 67 -4.34 -3.47 19.71
CA VAL C 67 -5.77 -3.23 19.89
C VAL C 67 -6.35 -4.34 20.75
N SER C 68 -7.18 -3.98 21.71
CA SER C 68 -7.87 -4.97 22.51
C SER C 68 -9.31 -4.54 22.74
N VAL C 69 -10.16 -5.52 23.03
CA VAL C 69 -11.57 -5.29 23.28
C VAL C 69 -11.88 -6.07 24.56
N ASN C 70 -12.25 -5.34 25.62
CA ASN C 70 -12.43 -5.91 26.97
C ASN C 70 -11.24 -6.78 27.42
N GLY C 71 -10.03 -6.28 27.17
CA GLY C 71 -8.81 -6.95 27.54
C GLY C 71 -8.32 -8.02 26.59
N ARG C 72 -9.10 -8.39 25.58
CA ARG C 72 -8.72 -9.48 24.70
C ARG C 72 -8.02 -8.90 23.47
N PRO C 73 -6.80 -9.32 23.16
CA PRO C 73 -6.12 -8.80 21.95
C PRO C 73 -6.89 -9.13 20.68
N SER C 74 -7.06 -8.13 19.84
CA SER C 74 -7.67 -8.34 18.54
C SER C 74 -6.62 -8.85 17.57
N ASP C 75 -7.08 -9.57 16.55
CA ASP C 75 -6.18 -9.88 15.45
C ASP C 75 -5.88 -8.60 14.68
N LEU C 76 -4.73 -8.54 14.06
CA LEU C 76 -4.29 -7.33 13.39
C LEU C 76 -3.86 -7.65 11.97
N VAL C 77 -4.03 -6.66 11.09
CA VAL C 77 -3.41 -6.64 9.78
C VAL C 77 -2.79 -5.27 9.60
N SER C 78 -1.67 -5.19 8.88
CA SER C 78 -1.00 -3.90 8.73
C SER C 78 -0.14 -3.88 7.48
N ALA C 79 0.21 -2.67 7.05
CA ALA C 79 1.20 -2.45 6.01
C ALA C 79 1.62 -1.00 6.07
N GLN C 80 2.76 -0.71 5.47
CA GLN C 80 3.19 0.67 5.26
C GLN C 80 3.23 0.95 3.77
N VAL C 81 2.77 2.13 3.37
CA VAL C 81 2.78 2.54 1.97
C VAL C 81 3.42 3.92 1.90
N ILE C 82 4.29 4.10 0.91
CA ILE C 82 4.99 5.36 0.68
C ILE C 82 4.66 5.86 -0.71
N LEU C 83 4.19 7.10 -0.78
CA LEU C 83 3.86 7.75 -2.05
C LEU C 83 4.88 8.84 -2.36
N THR C 84 5.27 8.88 -3.63
CA THR C 84 6.25 9.80 -4.18
C THR C 84 7.51 9.88 -3.30
N ASN C 85 7.90 8.74 -2.73
CA ASN C 85 9.11 8.61 -1.92
C ASN C 85 9.15 9.56 -0.74
N GLU C 86 8.00 10.08 -0.30
CA GLU C 86 7.99 11.14 0.70
C GLU C 86 6.88 10.97 1.73
N LEU C 87 5.69 10.57 1.29
CA LEU C 87 4.51 10.60 2.12
C LEU C 87 4.23 9.19 2.61
N ASN C 88 4.22 9.01 3.92
CA ASN C 88 4.18 7.68 4.52
C ASN C 88 2.87 7.48 5.24
N PHE C 89 2.30 6.29 5.03
CA PHE C 89 1.14 5.82 5.78
C PHE C 89 1.48 4.48 6.39
N ALA C 90 1.24 4.33 7.68
CA ALA C 90 1.31 3.05 8.36
C ALA C 90 -0.12 2.72 8.78
N LEU C 91 -0.63 1.59 8.32
CA LEU C 91 -2.05 1.29 8.33
C LEU C 91 -2.29 0.04 9.13
N VAL C 92 -3.31 0.05 9.98
CA VAL C 92 -3.63 -1.10 10.81
C VAL C 92 -5.14 -1.33 10.77
N GLY C 93 -5.53 -2.57 10.57
CA GLY C 93 -6.91 -2.99 10.84
C GLY C 93 -6.91 -4.05 11.92
N SER C 94 -8.06 -4.29 12.54
CA SER C 94 -8.12 -5.24 13.62
C SER C 94 -9.48 -5.91 13.64
N GLU C 95 -9.49 -7.13 14.16
CA GLU C 95 -10.69 -7.96 14.20
C GLU C 95 -10.91 -8.45 15.63
N ASP C 96 -12.07 -8.15 16.18
CA ASP C 96 -12.42 -8.53 17.54
C ASP C 96 -13.39 -9.70 17.62
N GLY C 97 -13.80 -10.23 16.48
CA GLY C 97 -14.86 -11.22 16.42
C GLY C 97 -14.58 -12.24 15.35
N THR C 98 -15.61 -12.64 14.63
CA THR C 98 -15.49 -13.72 13.65
C THR C 98 -15.87 -13.30 12.23
N ASP C 99 -16.38 -12.10 12.03
CA ASP C 99 -16.85 -11.75 10.69
C ASP C 99 -15.72 -11.36 9.76
N ASN C 100 -14.52 -11.13 10.29
CA ASN C 100 -13.35 -10.83 9.48
C ASN C 100 -13.54 -9.63 8.57
N ASP C 101 -14.19 -8.59 9.08
CA ASP C 101 -14.16 -7.30 8.38
C ASP C 101 -12.89 -6.50 8.67
N TYR C 102 -12.19 -6.82 9.77
CA TYR C 102 -10.90 -6.18 10.09
C TYR C 102 -10.98 -4.67 10.18
N ASN C 103 -12.15 -4.14 10.52
CA ASN C 103 -12.31 -2.70 10.64
C ASN C 103 -12.70 -2.29 12.04
N ASP C 104 -12.63 -3.22 13.00
CA ASP C 104 -13.27 -2.97 14.30
C ASP C 104 -12.58 -1.82 15.01
N ALA C 105 -11.27 -1.75 14.92
CA ALA C 105 -10.53 -0.50 15.09
C ALA C 105 -9.63 -0.39 13.88
N VAL C 106 -9.61 0.77 13.26
CA VAL C 106 -8.76 1.08 12.11
C VAL C 106 -7.83 2.19 12.58
N VAL C 107 -6.54 2.02 12.39
CA VAL C 107 -5.56 3.00 12.84
C VAL C 107 -4.73 3.46 11.66
N VAL C 108 -4.59 4.76 11.50
CA VAL C 108 -3.80 5.36 10.44
C VAL C 108 -2.72 6.20 11.09
N ILE C 109 -1.48 5.91 10.75
CA ILE C 109 -0.32 6.70 11.13
C ILE C 109 0.21 7.39 9.89
N ASN C 110 0.51 8.68 9.98
CA ASN C 110 0.99 9.39 8.81
C ASN C 110 2.16 10.29 9.18
N TRP C 111 3.12 10.39 8.28
CA TRP C 111 4.25 11.29 8.45
C TRP C 111 4.85 11.56 7.08
N PRO C 112 5.61 12.63 6.92
CA PRO C 112 5.89 13.69 7.87
C PRO C 112 4.73 14.66 7.99
N LEU C 113 4.79 15.48 9.02
CA LEU C 113 3.79 16.50 9.30
C LEU C 113 4.36 17.87 8.95
N GLY C 114 3.51 18.88 9.03
CA GLY C 114 3.95 20.25 8.91
C GLY C 114 3.99 20.82 7.51
N DLY D 1 -19.72 -8.29 18.81
CA DLY D 1 -20.63 -8.20 19.94
C DLY D 1 -21.35 -9.51 20.16
O DLY D 1 -22.54 -9.53 20.50
CB DLY D 1 -19.88 -7.77 21.21
CG DLY D 1 -20.82 -7.47 22.37
CD DLY D 1 -20.72 -6.01 22.81
N DLY D 2 -20.67 -10.62 19.93
CA DLY D 2 -21.34 -11.92 20.08
C DLY D 2 -22.50 -12.08 19.09
O DLY D 2 -23.56 -12.57 19.47
CB DLY D 2 -20.35 -13.07 19.94
CG DLY D 2 -19.31 -13.10 21.06
CD DLY D 2 -18.54 -14.39 21.02
CE DLY D 2 -17.52 -14.43 22.15
NZ DLY D 2 -16.82 -15.74 22.20
N DAL D 3 -22.29 -11.68 17.85
CA DAL D 3 -23.34 -11.73 16.83
CB DAL D 3 -22.80 -11.34 15.46
C DAL D 3 -24.52 -10.85 17.21
O DAL D 3 -25.68 -11.22 17.03
N DLE D 4 -24.23 -9.67 17.76
CA DLE D 4 -25.28 -8.77 18.22
CB DLE D 4 -24.66 -7.49 18.77
CG DLE D 4 -25.39 -6.14 18.71
CD1 DLE D 4 -26.89 -6.24 18.79
CD2 DLE D 4 -24.86 -5.18 19.77
C DLE D 4 -26.11 -9.45 19.29
O DLE D 4 -27.33 -9.49 19.20
N DLY D 5 -25.45 -9.99 20.32
CA DLY D 5 -26.16 -10.66 21.41
C DLY D 5 -27.02 -11.82 20.94
O DLY D 5 -28.15 -11.99 21.40
CB DLY D 5 -25.17 -11.14 22.47
CG DLY D 5 -24.51 -10.01 23.26
N DLY D 6 -26.48 -12.64 20.03
CA DLY D 6 -27.24 -13.76 19.49
C DLY D 6 -28.49 -13.31 18.76
O DLY D 6 -29.57 -13.87 18.94
CB DLY D 6 -26.38 -14.60 18.55
CG DLY D 6 -25.30 -15.42 19.25
N DLE D 7 -28.35 -12.29 17.92
CA DLE D 7 -29.48 -11.83 17.12
CB DLE D 7 -29.01 -10.84 16.06
CG DLE D 7 -29.48 -11.04 14.62
CD1 DLE D 7 -30.86 -11.69 14.52
CD2 DLE D 7 -29.45 -9.71 13.88
C DLE D 7 -30.53 -11.16 18.02
O DLE D 7 -31.71 -11.33 17.81
N DAL D 8 -30.09 -10.40 19.01
CA DAL D 8 -31.02 -9.73 19.91
CB DAL D 8 -30.28 -8.83 20.88
C DAL D 8 -31.86 -10.75 20.67
O DAL D 8 -33.07 -10.57 20.82
N DLY D 9 -31.24 -11.83 21.13
CA DLY D 9 -31.98 -12.83 21.89
C DLY D 9 -32.89 -13.65 20.97
O DLY D 9 -33.94 -14.13 21.42
CB DLY D 9 -31.03 -13.73 22.70
CG DLY D 9 -30.23 -14.73 21.89
N DLE D 10 -32.51 -13.80 19.71
CA DLE D 10 -33.35 -14.49 18.73
CB DLE D 10 -32.57 -14.64 17.41
CG DLE D 10 -32.90 -15.74 16.40
CD1 DLE D 10 -34.22 -16.46 16.67
CD2 DLE D 10 -32.86 -15.17 14.99
C DLE D 10 -34.62 -13.68 18.50
O DLE D 10 -35.73 -14.23 18.52
N DLE D 11 -34.45 -12.38 18.27
CA DLE D 11 -35.57 -11.50 17.99
CB DLE D 11 -35.12 -10.33 17.13
CG DLE D 11 -34.43 -10.72 15.82
CD1 DLE D 11 -35.34 -11.62 14.99
CD2 DLE D 11 -34.01 -9.50 15.02
C DLE D 11 -36.21 -10.98 19.28
O DLE D 11 -37.12 -10.15 19.25
N ALA E 1 -4.75 -13.20 10.49
CA ALA E 1 -5.72 -13.12 9.39
C ALA E 1 -5.23 -13.93 8.22
N THR E 2 -6.15 -14.36 7.38
CA THR E 2 -5.79 -15.06 6.16
C THR E 2 -4.91 -14.16 5.29
N GLN E 3 -3.91 -14.76 4.67
CA GLN E 3 -2.99 -14.08 3.78
C GLN E 3 -2.84 -14.91 2.52
N GLY E 4 -2.47 -14.24 1.43
CA GLY E 4 -2.26 -14.86 0.14
C GLY E 4 -3.52 -15.17 -0.65
N VAL E 5 -4.66 -14.63 -0.25
CA VAL E 5 -5.92 -14.81 -0.97
C VAL E 5 -6.34 -13.46 -1.54
N PHE E 6 -6.67 -13.43 -2.82
CA PHE E 6 -7.02 -12.19 -3.50
C PHE E 6 -8.23 -12.40 -4.40
N THR E 7 -9.12 -11.44 -4.44
CA THR E 7 -10.24 -11.46 -5.38
C THR E 7 -9.87 -10.59 -6.57
N LEU E 8 -9.73 -11.23 -7.72
CA LEU E 8 -9.48 -10.54 -8.98
C LEU E 8 -10.80 -10.35 -9.69
N PRO E 9 -10.86 -9.42 -10.65
CA PRO E 9 -12.01 -9.39 -11.55
C PRO E 9 -12.13 -10.72 -12.26
N ALA E 10 -13.36 -11.15 -12.50
CA ALA E 10 -13.57 -12.46 -13.11
C ALA E 10 -13.03 -12.49 -14.53
N ASN E 11 -12.64 -13.70 -14.97
CA ASN E 11 -12.32 -13.95 -16.37
C ASN E 11 -11.25 -13.01 -16.91
N THR E 12 -10.23 -12.79 -16.10
CA THR E 12 -9.19 -11.81 -16.39
C THR E 12 -7.83 -12.47 -16.34
N ARG E 13 -7.02 -12.26 -17.37
CA ARG E 13 -5.66 -12.77 -17.36
C ARG E 13 -4.81 -12.02 -16.35
N PHE E 14 -3.97 -12.76 -15.65
CA PHE E 14 -3.04 -12.15 -14.70
C PHE E 14 -1.72 -12.88 -14.78
N GLY E 15 -0.66 -12.18 -14.39
CA GLY E 15 0.67 -12.75 -14.31
C GLY E 15 0.96 -13.18 -12.88
N VAL E 16 1.67 -14.27 -12.71
CA VAL E 16 2.15 -14.69 -11.40
C VAL E 16 3.61 -15.10 -11.54
N THR E 17 4.46 -14.54 -10.68
CA THR E 17 5.91 -14.73 -10.75
C THR E 17 6.43 -14.95 -9.33
N ALA E 18 7.32 -15.92 -9.17
CA ALA E 18 7.90 -16.24 -7.87
C ALA E 18 9.42 -16.14 -7.91
N PHE E 19 9.97 -15.57 -6.83
CA PHE E 19 11.39 -15.43 -6.59
C PHE E 19 11.75 -16.19 -5.32
N ALA E 20 12.96 -16.73 -5.25
CA ALA E 20 13.38 -17.46 -4.07
C ALA E 20 14.58 -16.82 -3.41
N ASN E 21 14.59 -16.85 -2.06
CA ASN E 21 15.71 -16.30 -1.27
C ASN E 21 15.84 -17.15 -0.01
N SER E 22 16.33 -18.39 -0.18
CA SER E 22 16.37 -19.32 0.95
C SER E 22 17.23 -20.50 0.58
N SER E 23 17.82 -21.12 1.62
CA SER E 23 18.49 -22.40 1.40
C SER E 23 17.51 -23.52 1.09
N GLY E 24 16.26 -23.40 1.54
CA GLY E 24 15.26 -24.42 1.26
C GLY E 24 14.64 -24.28 -0.11
N THR E 25 14.30 -25.41 -0.70
CA THR E 25 13.61 -25.41 -1.97
C THR E 25 12.16 -24.98 -1.74
N GLN E 26 11.74 -23.96 -2.48
CA GLN E 26 10.40 -23.40 -2.35
C GLN E 26 9.45 -24.05 -3.33
N THR E 27 8.26 -24.43 -2.86
CA THR E 27 7.20 -24.93 -3.74
C THR E 27 6.03 -23.96 -3.60
N VAL E 28 5.69 -23.29 -4.69
CA VAL E 28 4.64 -22.28 -4.72
C VAL E 28 3.47 -22.87 -5.48
N ASN E 29 2.30 -22.89 -4.86
CA ASN E 29 1.06 -23.33 -5.49
C ASN E 29 0.17 -22.13 -5.68
N VAL E 30 -0.34 -21.97 -6.89
CA VAL E 30 -1.29 -20.91 -7.21
C VAL E 30 -2.61 -21.56 -7.53
N LEU E 31 -3.62 -21.28 -6.72
CA LEU E 31 -4.94 -21.84 -6.87
C LEU E 31 -5.89 -20.82 -7.46
N VAL E 32 -6.71 -21.26 -8.40
CA VAL E 32 -7.78 -20.43 -8.94
C VAL E 32 -9.07 -21.17 -8.68
N ASN E 33 -10.03 -20.51 -8.03
CA ASN E 33 -11.28 -21.17 -7.67
C ASN E 33 -11.03 -22.45 -6.89
N ASN E 34 -10.05 -22.41 -5.99
CA ASN E 34 -9.72 -23.49 -5.07
C ASN E 34 -9.11 -24.71 -5.75
N GLU E 35 -8.64 -24.58 -6.99
CA GLU E 35 -8.03 -25.67 -7.72
C GLU E 35 -6.65 -25.23 -8.18
N THR E 36 -5.66 -26.10 -8.04
CA THR E 36 -4.30 -25.72 -8.39
C THR E 36 -4.23 -25.41 -9.88
N ALA E 37 -3.73 -24.21 -10.21
CA ALA E 37 -3.59 -23.76 -11.59
C ALA E 37 -2.15 -23.63 -12.03
N ALA E 38 -1.23 -23.46 -11.11
CA ALA E 38 0.19 -23.43 -11.45
C ALA E 38 0.99 -23.82 -10.22
N THR E 39 2.12 -24.46 -10.45
CA THR E 39 3.06 -24.80 -9.39
C THR E 39 4.45 -24.41 -9.84
N PHE E 40 5.20 -23.76 -8.97
CA PHE E 40 6.61 -23.48 -9.21
C PHE E 40 7.42 -24.17 -8.12
N SER E 41 8.63 -24.58 -8.48
CA SER E 41 9.53 -25.13 -7.49
C SER E 41 10.96 -24.77 -7.86
N GLY E 42 11.73 -24.31 -6.88
CA GLY E 42 13.13 -24.01 -7.15
C GLY E 42 13.80 -23.53 -5.89
N GLN E 43 15.10 -23.33 -6.01
CA GLN E 43 15.93 -22.90 -4.89
C GLN E 43 16.90 -21.84 -5.36
N SER E 44 17.00 -20.76 -4.59
CA SER E 44 17.96 -19.70 -4.85
C SER E 44 18.12 -18.91 -3.57
N THR E 45 19.33 -18.41 -3.32
CA THR E 45 19.53 -17.36 -2.33
C THR E 45 19.81 -16.02 -2.96
N ASN E 46 19.56 -15.87 -4.27
CA ASN E 46 19.86 -14.64 -4.99
C ASN E 46 18.67 -14.17 -5.81
N ASN E 47 17.46 -14.38 -5.31
CA ASN E 47 16.25 -13.81 -5.92
C ASN E 47 15.98 -14.35 -7.31
N ALA E 48 16.45 -15.56 -7.65
CA ALA E 48 16.16 -16.10 -8.96
C ALA E 48 14.65 -16.28 -9.15
N VAL E 49 14.21 -16.04 -10.38
CA VAL E 49 12.83 -16.34 -10.75
C VAL E 49 12.69 -17.86 -10.82
N ILE E 50 11.87 -18.43 -9.94
CA ILE E 50 11.61 -19.86 -9.96
C ILE E 50 10.42 -20.22 -10.84
N GLY E 51 9.64 -19.24 -11.25
CA GLY E 51 8.55 -19.51 -12.18
C GLY E 51 7.83 -18.24 -12.52
N THR E 52 7.25 -18.18 -13.71
CA THR E 52 6.38 -17.09 -14.11
C THR E 52 5.38 -17.68 -15.10
N GLN E 53 4.12 -17.28 -14.98
CA GLN E 53 3.05 -17.90 -15.73
C GLN E 53 1.92 -16.89 -15.90
N VAL E 54 1.20 -16.99 -17.00
CA VAL E 54 -0.04 -16.24 -17.20
C VAL E 54 -1.21 -17.19 -16.97
N LEU E 55 -2.16 -16.76 -16.14
CA LEU E 55 -3.33 -17.56 -15.80
C LEU E 55 -4.57 -16.71 -16.01
N ASN E 56 -5.72 -17.36 -15.98
CA ASN E 56 -7.00 -16.68 -16.03
C ASN E 56 -7.71 -16.82 -14.68
N SER E 57 -8.27 -15.72 -14.18
CA SER E 57 -8.90 -15.74 -12.87
C SER E 57 -10.22 -16.51 -12.86
N GLY E 58 -10.79 -16.84 -14.03
CA GLY E 58 -11.97 -17.68 -14.08
C GLY E 58 -13.23 -16.98 -13.57
N SER E 59 -14.29 -17.78 -13.47
CA SER E 59 -15.60 -17.23 -13.12
C SER E 59 -15.63 -16.62 -11.73
N SER E 60 -14.82 -17.13 -10.80
CA SER E 60 -14.88 -16.70 -9.41
C SER E 60 -13.96 -15.54 -9.09
N GLY E 61 -12.89 -15.36 -9.85
CA GLY E 61 -11.87 -14.40 -9.51
C GLY E 61 -11.05 -14.74 -8.29
N LYS E 62 -11.26 -15.88 -7.64
CA LYS E 62 -10.54 -16.18 -6.40
C LYS E 62 -9.17 -16.77 -6.72
N VAL E 63 -8.12 -16.12 -6.27
CA VAL E 63 -6.75 -16.59 -6.47
C VAL E 63 -6.10 -16.73 -5.10
N GLN E 64 -5.45 -17.86 -4.85
CA GLN E 64 -4.77 -18.10 -3.59
C GLN E 64 -3.35 -18.58 -3.86
N VAL E 65 -2.39 -18.04 -3.11
CA VAL E 65 -1.00 -18.45 -3.17
C VAL E 65 -0.68 -19.19 -1.88
N GLN E 66 -0.10 -20.37 -2.01
CA GLN E 66 0.42 -21.13 -0.87
C GLN E 66 1.88 -21.44 -1.13
N VAL E 67 2.68 -21.50 -0.07
CA VAL E 67 4.10 -21.79 -0.19
C VAL E 67 4.45 -22.85 0.84
N SER E 68 5.21 -23.86 0.43
CA SER E 68 5.71 -24.84 1.38
C SER E 68 7.16 -25.15 1.06
N VAL E 69 7.85 -25.64 2.08
CA VAL E 69 9.24 -26.03 1.99
C VAL E 69 9.35 -27.41 2.64
N ASN E 70 9.76 -28.41 1.86
CA ASN E 70 9.77 -29.80 2.31
C ASN E 70 8.43 -30.23 2.91
N GLY E 71 7.35 -29.75 2.31
CA GLY E 71 6.01 -30.05 2.73
C GLY E 71 5.50 -29.23 3.91
N ARG E 72 6.31 -28.40 4.51
CA ARG E 72 5.88 -27.57 5.62
C ARG E 72 5.34 -26.24 5.09
N PRO E 73 4.13 -25.83 5.49
CA PRO E 73 3.59 -24.55 5.02
C PRO E 73 4.38 -23.39 5.60
N SER E 74 4.78 -22.47 4.75
CA SER E 74 5.42 -21.24 5.19
C SER E 74 4.39 -20.25 5.71
N ASP E 75 4.81 -19.41 6.67
CA ASP E 75 3.95 -18.32 7.12
C ASP E 75 3.92 -17.22 6.06
N LEU E 76 2.73 -16.73 5.72
CA LEU E 76 2.60 -15.78 4.62
C LEU E 76 2.28 -14.38 5.13
N VAL E 77 2.71 -13.40 4.35
CA VAL E 77 2.24 -12.02 4.47
C VAL E 77 1.84 -11.56 3.08
N SER E 78 0.84 -10.70 3.00
CA SER E 78 0.36 -10.29 1.69
C SER E 78 -0.37 -8.95 1.76
N ALA E 79 -0.53 -8.34 0.58
CA ALA E 79 -1.36 -7.15 0.42
C ALA E 79 -1.59 -6.95 -1.06
N GLN E 80 -2.62 -6.19 -1.39
CA GLN E 80 -2.85 -5.75 -2.76
C GLN E 80 -2.72 -4.23 -2.83
N VAL E 81 -2.07 -3.75 -3.88
CA VAL E 81 -1.92 -2.32 -4.11
C VAL E 81 -2.39 -2.01 -5.52
N ILE E 82 -3.12 -0.92 -5.67
CA ILE E 82 -3.65 -0.46 -6.95
C ILE E 82 -3.12 0.95 -7.22
N LEU E 83 -2.49 1.12 -8.38
CA LEU E 83 -1.96 2.40 -8.82
C LEU E 83 -2.83 2.97 -9.93
N THR E 84 -3.06 4.28 -9.85
CA THR E 84 -3.90 5.04 -10.80
C THR E 84 -5.22 4.35 -11.09
N ASN E 85 -5.76 3.64 -10.10
CA ASN E 85 -7.06 2.98 -10.19
C ASN E 85 -7.12 1.95 -11.31
N GLU E 86 -5.98 1.46 -11.76
CA GLU E 86 -5.92 0.61 -12.94
C GLU E 86 -4.96 -0.56 -12.80
N LEU E 87 -3.79 -0.31 -12.24
CA LEU E 87 -2.69 -1.26 -12.27
C LEU E 87 -2.65 -1.95 -10.91
N ASN E 88 -2.78 -3.28 -10.92
CA ASN E 88 -2.94 -4.06 -9.69
C ASN E 88 -1.74 -4.94 -9.42
N PHE E 89 -1.29 -4.93 -8.17
CA PHE E 89 -0.28 -5.86 -7.69
C PHE E 89 -0.82 -6.60 -6.48
N ALA E 90 -0.77 -7.91 -6.52
CA ALA E 90 -1.04 -8.73 -5.34
C ALA E 90 0.28 -9.36 -4.92
N LEU E 91 0.69 -9.08 -3.69
CA LEU E 91 2.05 -9.33 -3.25
C LEU E 91 2.03 -10.31 -2.10
N VAL E 92 2.95 -11.28 -2.13
CA VAL E 92 3.06 -12.29 -1.08
C VAL E 92 4.52 -12.42 -0.69
N GLY E 93 4.79 -12.42 0.62
CA GLY E 93 6.06 -12.90 1.13
C GLY E 93 5.84 -14.11 1.99
N SER E 94 6.90 -14.85 2.27
CA SER E 94 6.73 -16.08 3.03
C SER E 94 8.00 -16.37 3.82
N GLU E 95 7.81 -17.00 4.96
CA GLU E 95 8.89 -17.32 5.90
C GLU E 95 8.89 -18.82 6.17
N ASP E 96 10.01 -19.47 5.88
CA ASP E 96 10.15 -20.90 6.06
C ASP E 96 10.96 -21.27 7.30
N GLY E 97 11.40 -20.28 8.07
CA GLY E 97 12.33 -20.52 9.18
C GLY E 97 12.06 -19.61 10.32
N THR E 98 13.13 -19.08 10.92
CA THR E 98 13.03 -18.30 12.14
C THR E 98 13.63 -16.92 12.02
N ASP E 99 14.20 -16.55 10.87
CA ASP E 99 14.82 -15.23 10.77
C ASP E 99 13.84 -14.13 10.39
N ASN E 100 12.64 -14.49 9.97
CA ASN E 100 11.60 -13.51 9.71
C ASN E 100 12.01 -12.46 8.68
N ASP E 101 12.75 -12.88 7.66
CA ASP E 101 12.94 -11.97 6.52
C ASP E 101 11.77 -12.00 5.54
N TYR E 102 10.94 -13.04 5.57
CA TYR E 102 9.72 -13.11 4.77
C TYR E 102 9.97 -13.00 3.27
N ASN E 103 11.18 -13.35 2.81
CA ASN E 103 11.52 -13.27 1.40
C ASN E 103 11.80 -14.65 0.82
N ASP E 104 11.52 -15.72 1.56
CA ASP E 104 12.05 -17.02 1.20
C ASP E 104 11.46 -17.48 -0.13
N ALA E 105 10.17 -17.25 -0.31
CA ALA E 105 9.56 -17.16 -1.65
C ALA E 105 8.79 -15.85 -1.66
N VAL E 106 9.01 -15.06 -2.71
CA VAL E 106 8.30 -13.80 -2.91
C VAL E 106 7.46 -14.00 -4.16
N VAL E 107 6.16 -13.72 -4.09
CA VAL E 107 5.27 -13.97 -5.21
C VAL E 107 4.60 -12.65 -5.58
N VAL E 108 4.64 -12.31 -6.86
CA VAL E 108 4.02 -11.10 -7.37
C VAL E 108 2.99 -11.51 -8.40
N ILE E 109 1.75 -11.07 -8.19
CA ILE E 109 0.66 -11.22 -9.15
C ILE E 109 0.36 -9.85 -9.70
N ASN E 110 0.24 -9.72 -11.02
CA ASN E 110 -0.06 -8.42 -11.62
C ASN E 110 -1.14 -8.54 -12.68
N TRP E 111 -2.00 -7.53 -12.75
CA TRP E 111 -2.99 -7.43 -13.79
C TRP E 111 -3.38 -5.98 -13.93
N PRO E 112 -3.99 -5.59 -15.05
CA PRO E 112 -4.28 -6.39 -16.24
C PRO E 112 -3.02 -6.59 -17.09
N LEU E 113 -3.11 -7.51 -18.03
CA LEU E 113 -2.04 -7.79 -18.98
C LEU E 113 -2.41 -7.24 -20.34
N GLY E 114 -1.48 -7.33 -21.29
CA GLY E 114 -1.77 -7.02 -22.68
C GLY E 114 -1.56 -5.58 -23.08
N DLY F 1 18.76 -22.22 6.84
CA DLY F 1 19.42 -23.50 7.10
C DLY F 1 20.74 -23.59 6.35
O DLY F 1 21.35 -22.58 6.01
CB DLY F 1 19.68 -23.69 8.60
CG DLY F 1 18.52 -24.27 9.38
N DLY F 2 21.18 -24.83 6.09
CA DLY F 2 22.46 -25.08 5.45
C DLY F 2 23.53 -25.35 6.50
O DLY F 2 23.93 -24.46 7.24
CB DLY F 2 22.36 -26.27 4.49
CG DLY F 2 21.42 -26.06 3.32
N ALA G 1 3.58 14.67 -9.48
CA ALA G 1 4.63 14.31 -8.55
C ALA G 1 5.64 13.39 -9.20
N THR G 2 6.86 13.46 -8.71
CA THR G 2 7.90 12.54 -9.19
C THR G 2 7.47 11.11 -8.91
N GLN G 3 7.77 10.23 -9.85
CA GLN G 3 7.44 8.83 -9.73
C GLN G 3 8.66 8.02 -10.17
N GLY G 4 8.74 6.79 -9.65
CA GLY G 4 9.82 5.88 -10.00
C GLY G 4 11.11 6.12 -9.27
N VAL G 5 11.12 6.94 -8.23
CA VAL G 5 12.30 7.23 -7.41
C VAL G 5 12.07 6.68 -6.02
N PHE G 6 13.03 5.92 -5.51
CA PHE G 6 12.89 5.25 -4.24
C PHE G 6 14.18 5.38 -3.44
N THR G 7 14.06 5.65 -2.14
CA THR G 7 15.23 5.57 -1.26
C THR G 7 15.25 4.20 -0.59
N LEU G 8 16.19 3.39 -0.98
CA LEU G 8 16.43 2.10 -0.36
C LEU G 8 17.41 2.28 0.79
N PRO G 9 17.47 1.33 1.75
CA PRO G 9 18.59 1.31 2.69
C PRO G 9 19.87 1.25 1.91
N ALA G 10 20.86 2.02 2.35
CA ALA G 10 22.13 2.07 1.64
C ALA G 10 22.83 0.72 1.70
N ASN G 11 23.65 0.47 0.68
CA ASN G 11 24.53 -0.71 0.67
C ASN G 11 23.75 -2.01 0.83
N THR G 12 22.62 -2.12 0.13
CA THR G 12 21.72 -3.25 0.27
C THR G 12 21.45 -3.85 -1.11
N ARG G 13 21.55 -5.17 -1.19
CA ARG G 13 21.20 -5.85 -2.44
C ARG G 13 19.69 -5.82 -2.63
N PHE G 14 19.26 -5.61 -3.88
CA PHE G 14 17.85 -5.65 -4.20
C PHE G 14 17.68 -6.30 -5.56
N GLY G 15 16.48 -6.83 -5.80
CA GLY G 15 16.12 -7.40 -7.08
C GLY G 15 15.32 -6.39 -7.87
N VAL G 16 15.52 -6.36 -9.18
CA VAL G 16 14.69 -5.56 -10.08
C VAL G 16 14.30 -6.43 -11.26
N THR G 17 13.01 -6.44 -11.59
CA THR G 17 12.43 -7.31 -12.60
C THR G 17 11.43 -6.50 -13.40
N ALA G 18 11.44 -6.64 -14.72
CA ALA G 18 10.53 -5.90 -15.57
C ALA G 18 9.76 -6.86 -16.47
N PHE G 19 8.47 -6.54 -16.64
CA PHE G 19 7.53 -7.26 -17.48
C PHE G 19 7.01 -6.31 -18.53
N ALA G 20 6.70 -6.83 -19.72
CA ALA G 20 6.20 -6.00 -20.79
C ALA G 20 4.79 -6.41 -21.20
N ASN G 21 3.95 -5.41 -21.51
CA ASN G 21 2.57 -5.62 -21.97
C ASN G 21 2.19 -4.52 -22.96
N SER G 22 2.73 -4.60 -24.16
CA SER G 22 2.57 -3.52 -25.13
C SER G 22 3.09 -3.99 -26.47
N SER G 23 2.52 -3.43 -27.54
CA SER G 23 3.10 -3.62 -28.86
C SER G 23 4.43 -2.91 -29.00
N GLY G 24 4.70 -1.90 -28.18
CA GLY G 24 5.95 -1.16 -28.28
C GLY G 24 7.07 -1.84 -27.50
N THR G 25 8.27 -1.75 -28.04
CA THR G 25 9.43 -2.30 -27.34
C THR G 25 9.76 -1.41 -26.15
N GLN G 26 9.85 -2.01 -24.99
CA GLN G 26 10.11 -1.27 -23.76
C GLN G 26 11.60 -1.24 -23.46
N THR G 27 12.11 -0.06 -23.09
CA THR G 27 13.49 0.05 -22.59
C THR G 27 13.40 0.58 -21.17
N VAL G 28 13.87 -0.22 -20.23
CA VAL G 28 13.81 0.11 -18.81
C VAL G 28 15.23 0.40 -18.35
N ASN G 29 15.46 1.56 -17.77
CA ASN G 29 16.73 1.92 -17.17
C ASN G 29 16.56 1.99 -15.67
N VAL G 30 17.49 1.36 -14.95
CA VAL G 30 17.52 1.40 -13.49
C VAL G 30 18.77 2.16 -13.09
N LEU G 31 18.60 3.29 -12.43
CA LEU G 31 19.71 4.13 -12.00
C LEU G 31 19.95 3.97 -10.52
N VAL G 32 21.21 3.88 -10.13
CA VAL G 32 21.59 3.86 -8.73
C VAL G 32 22.51 5.03 -8.52
N ASN G 33 22.18 5.91 -7.57
CA ASN G 33 22.97 7.12 -7.33
C ASN G 33 23.17 7.92 -8.63
N ASN G 34 22.11 7.99 -9.43
CA ASN G 34 22.02 8.79 -10.64
C ASN G 34 22.85 8.26 -11.79
N GLU G 35 23.34 7.02 -11.72
CA GLU G 35 24.09 6.41 -12.80
C GLU G 35 23.39 5.11 -13.22
N THR G 36 23.33 4.87 -14.52
CA THR G 36 22.67 3.65 -14.97
C THR G 36 23.39 2.43 -14.42
N ALA G 37 22.63 1.54 -13.80
CA ALA G 37 23.14 0.30 -13.24
C ALA G 37 22.61 -0.94 -13.95
N ALA G 38 21.46 -0.86 -14.61
CA ALA G 38 20.92 -1.97 -15.37
C ALA G 38 19.99 -1.40 -16.43
N THR G 39 19.95 -2.08 -17.57
CA THR G 39 19.03 -1.73 -18.64
C THR G 39 18.40 -3.02 -19.15
N PHE G 40 17.09 -2.98 -19.35
CA PHE G 40 16.39 -4.10 -19.96
C PHE G 40 15.68 -3.59 -21.21
N SER G 41 15.56 -4.46 -22.20
CA SER G 41 14.82 -4.10 -23.40
C SER G 41 14.12 -5.33 -23.96
N GLY G 42 12.85 -5.19 -24.28
CA GLY G 42 12.13 -6.32 -24.86
C GLY G 42 10.70 -5.93 -25.19
N GLN G 43 10.02 -6.85 -25.86
CA GLN G 43 8.65 -6.62 -26.30
C GLN G 43 7.81 -7.85 -25.98
N SER G 44 6.65 -7.63 -25.37
CA SER G 44 5.68 -8.68 -25.15
C SER G 44 4.33 -8.03 -24.93
N THR G 45 3.27 -8.72 -25.36
CA THR G 45 1.92 -8.40 -24.92
C THR G 45 1.39 -9.45 -23.95
N ASN G 46 2.26 -10.30 -23.41
CA ASN G 46 1.85 -11.40 -22.55
C ASN G 46 2.65 -11.44 -21.25
N ASN G 47 3.07 -10.27 -20.76
CA ASN G 47 3.69 -10.17 -19.44
C ASN G 47 5.04 -10.87 -19.37
N ALA G 48 5.72 -11.06 -20.51
CA ALA G 48 7.03 -11.71 -20.44
C ALA G 48 7.99 -10.90 -19.59
N VAL G 49 8.86 -11.62 -18.89
CA VAL G 49 9.96 -11.00 -18.17
C VAL G 49 10.99 -10.53 -19.18
N ILE G 50 11.19 -9.22 -19.29
CA ILE G 50 12.19 -8.68 -20.21
C ILE G 50 13.55 -8.47 -19.53
N GLY G 51 13.62 -8.58 -18.21
CA GLY G 51 14.89 -8.55 -17.54
C GLY G 51 14.70 -8.79 -16.06
N THR G 52 15.70 -9.36 -15.41
CA THR G 52 15.73 -9.46 -13.96
C THR G 52 17.19 -9.43 -13.54
N GLN G 53 17.47 -8.75 -12.44
CA GLN G 53 18.86 -8.56 -12.04
C GLN G 53 18.92 -8.24 -10.56
N VAL G 54 20.05 -8.54 -9.95
CA VAL G 54 20.37 -8.15 -8.59
C VAL G 54 21.38 -7.01 -8.65
N LEU G 55 21.10 -5.93 -7.90
CA LEU G 55 21.95 -4.76 -7.84
C LEU G 55 22.18 -4.40 -6.39
N ASN G 56 23.14 -3.51 -6.16
CA ASN G 56 23.37 -2.95 -4.84
C ASN G 56 22.95 -1.49 -4.82
N SER G 57 22.24 -1.09 -3.76
CA SER G 57 21.74 0.28 -3.67
C SER G 57 22.83 1.30 -3.40
N GLY G 58 24.04 0.88 -3.05
CA GLY G 58 25.17 1.79 -2.89
C GLY G 58 25.07 2.72 -1.69
N SER G 59 26.02 3.66 -1.62
CA SER G 59 26.13 4.51 -0.45
C SER G 59 24.94 5.45 -0.28
N SER G 60 24.26 5.81 -1.37
CA SER G 60 23.16 6.76 -1.28
C SER G 60 21.80 6.10 -1.08
N GLY G 61 21.65 4.85 -1.50
CA GLY G 61 20.35 4.21 -1.53
C GLY G 61 19.38 4.70 -2.58
N LYS G 62 19.75 5.70 -3.40
CA LYS G 62 18.80 6.25 -4.37
C LYS G 62 18.67 5.34 -5.59
N VAL G 63 17.47 4.87 -5.86
CA VAL G 63 17.17 4.04 -7.02
C VAL G 63 16.08 4.72 -7.83
N GLN G 64 16.30 4.83 -9.15
CA GLN G 64 15.33 5.44 -10.03
C GLN G 64 15.07 4.53 -11.22
N VAL G 65 13.81 4.37 -11.58
CA VAL G 65 13.39 3.58 -12.73
C VAL G 65 12.88 4.57 -13.78
N GLN G 66 13.39 4.44 -15.00
CA GLN G 66 12.87 5.18 -16.14
C GLN G 66 12.48 4.19 -17.23
N VAL G 67 11.45 4.53 -17.99
CA VAL G 67 10.95 3.68 -19.06
C VAL G 67 10.78 4.54 -20.30
N SER G 68 11.24 4.05 -21.44
CA SER G 68 10.95 4.73 -22.69
C SER G 68 10.61 3.71 -23.76
N VAL G 69 9.95 4.21 -24.81
CA VAL G 69 9.53 3.40 -25.94
C VAL G 69 9.89 4.21 -27.18
N ASN G 70 10.75 3.68 -28.03
CA ASN G 70 11.26 4.41 -29.19
C ASN G 70 11.88 5.75 -28.80
N GLY G 71 12.51 5.82 -27.62
CA GLY G 71 13.09 7.05 -27.13
C GLY G 71 12.13 7.98 -26.44
N ARG G 72 10.83 7.69 -26.45
CA ARG G 72 9.84 8.55 -25.81
C ARG G 72 9.66 8.13 -24.36
N PRO G 73 9.85 9.02 -23.39
CA PRO G 73 9.62 8.63 -21.99
C PRO G 73 8.16 8.28 -21.74
N SER G 74 7.95 7.15 -21.08
CA SER G 74 6.61 6.74 -20.66
C SER G 74 6.21 7.48 -19.40
N ASP G 75 4.91 7.67 -19.23
CA ASP G 75 4.39 8.24 -17.99
C ASP G 75 4.44 7.16 -16.90
N LEU G 76 4.96 7.48 -15.73
CA LEU G 76 5.14 6.49 -14.68
C LEU G 76 4.17 6.67 -13.53
N VAL G 77 3.84 5.56 -12.88
CA VAL G 77 3.17 5.57 -11.58
C VAL G 77 3.95 4.63 -10.68
N SER G 78 3.98 4.93 -9.38
CA SER G 78 4.82 4.13 -8.50
C SER G 78 4.36 4.25 -7.06
N ALA G 79 4.80 3.30 -6.24
CA ALA G 79 4.60 3.34 -4.79
C ALA G 79 5.54 2.33 -4.18
N GLN G 80 5.81 2.47 -2.88
CA GLN G 80 6.54 1.48 -2.12
C GLN G 80 5.59 0.92 -1.07
N VAL G 81 5.65 -0.40 -0.87
CA VAL G 81 4.86 -1.05 0.18
C VAL G 81 5.79 -1.91 1.00
N ILE G 82 5.56 -1.91 2.31
CA ILE G 82 6.36 -2.70 3.25
C ILE G 82 5.42 -3.61 4.04
N LEU G 83 5.71 -4.90 4.04
CA LEU G 83 4.96 -5.91 4.76
C LEU G 83 5.77 -6.38 5.96
N THR G 84 5.06 -6.56 7.08
CA THR G 84 5.62 -6.98 8.36
C THR G 84 6.89 -6.22 8.72
N ASN G 85 6.94 -4.93 8.33
CA ASN G 85 8.04 -4.05 8.68
C ASN G 85 9.38 -4.55 8.17
N GLU G 86 9.40 -5.41 7.17
CA GLU G 86 10.63 -6.10 6.77
C GLU G 86 10.72 -6.27 5.26
N LEU G 87 9.64 -6.66 4.63
CA LEU G 87 9.66 -7.06 3.23
C LEU G 87 9.20 -5.88 2.37
N ASN G 88 10.06 -5.43 1.46
CA ASN G 88 9.83 -4.20 0.72
C ASN G 88 9.61 -4.47 -0.75
N PHE G 89 8.62 -3.79 -1.31
CA PHE G 89 8.38 -3.75 -2.75
C PHE G 89 8.35 -2.31 -3.20
N ALA G 90 9.12 -1.98 -4.23
CA ALA G 90 8.98 -0.70 -4.92
C ALA G 90 8.42 -1.04 -6.30
N LEU G 91 7.30 -0.43 -6.63
CA LEU G 91 6.47 -0.85 -7.77
C LEU G 91 6.34 0.29 -8.75
N VAL G 92 6.48 -0.03 -10.04
CA VAL G 92 6.37 0.97 -11.09
C VAL G 92 5.47 0.42 -12.19
N GLY G 93 4.53 1.25 -12.64
CA GLY G 93 3.84 1.00 -13.90
C GLY G 93 4.13 2.13 -14.87
N SER G 94 3.87 1.90 -16.15
CA SER G 94 4.20 2.90 -17.14
C SER G 94 3.25 2.80 -18.31
N GLU G 95 2.99 3.96 -18.93
CA GLU G 95 2.05 4.07 -20.03
C GLU G 95 2.77 4.68 -21.23
N ASP G 96 2.76 3.97 -22.35
CA ASP G 96 3.42 4.45 -23.56
C ASP G 96 2.45 4.99 -24.60
N GLY G 97 1.15 4.96 -24.32
CA GLY G 97 0.17 5.32 -25.31
C GLY G 97 -1.02 6.06 -24.73
N THR G 98 -2.21 5.65 -25.15
CA THR G 98 -3.44 6.38 -24.87
C THR G 98 -4.46 5.60 -24.05
N ASP G 99 -4.28 4.30 -23.84
CA ASP G 99 -5.30 3.48 -23.19
C ASP G 99 -5.22 3.49 -21.67
N ASN G 100 -4.15 4.03 -21.11
CA ASN G 100 -4.01 4.19 -19.67
C ASN G 100 -4.17 2.88 -18.92
N ASP G 101 -3.63 1.80 -19.46
CA ASP G 101 -3.55 0.59 -18.65
C ASP G 101 -2.32 0.57 -17.74
N TYR G 102 -1.32 1.40 -18.01
CA TYR G 102 -0.15 1.57 -17.14
C TYR G 102 0.59 0.26 -16.90
N ASN G 103 0.46 -0.72 -17.80
CA ASN G 103 1.15 -1.99 -17.64
C ASN G 103 2.20 -2.20 -18.72
N ASP G 104 2.49 -1.16 -19.51
CA ASP G 104 3.23 -1.39 -20.75
C ASP G 104 4.64 -1.89 -20.44
N ALA G 105 5.29 -1.30 -19.42
CA ALA G 105 6.37 -1.95 -18.69
C ALA G 105 5.97 -1.88 -17.23
N VAL G 106 6.04 -3.01 -16.54
CA VAL G 106 5.79 -3.09 -15.11
C VAL G 106 7.11 -3.47 -14.48
N VAL G 107 7.54 -2.72 -13.46
CA VAL G 107 8.83 -2.97 -12.83
C VAL G 107 8.61 -3.21 -11.35
N VAL G 108 9.19 -4.30 -10.84
CA VAL G 108 9.11 -4.65 -9.43
C VAL G 108 10.51 -4.71 -8.87
N ILE G 109 10.75 -3.95 -7.81
CA ILE G 109 11.98 -3.95 -7.04
C ILE G 109 11.64 -4.57 -5.70
N ASN G 110 12.47 -5.51 -5.23
CA ASN G 110 12.20 -6.17 -3.96
C ASN G 110 13.47 -6.28 -3.13
N TRP G 111 13.33 -6.14 -1.82
CA TRP G 111 14.42 -6.35 -0.90
C TRP G 111 13.83 -6.64 0.46
N PRO G 112 14.60 -7.23 1.38
CA PRO G 112 15.96 -7.73 1.22
C PRO G 112 15.99 -9.05 0.47
N LEU G 113 17.19 -9.43 0.05
CA LEU G 113 17.43 -10.69 -0.62
C LEU G 113 18.15 -11.65 0.31
N GLY G 114 18.31 -12.90 -0.13
CA GLY G 114 19.13 -13.86 0.59
C GLY G 114 18.40 -14.72 1.60
CA CA H . 3.89 21.11 0.58
CA CA I . 3.23 20.54 4.20
CA CA J . -16.71 -4.30 12.28
C1 ZDC K . 4.20 25.16 4.68
C1M ZDC K . 4.08 25.52 6.16
C2 ZDC K . 4.55 23.66 4.47
C3 ZDC K . 4.50 23.40 2.97
C4 ZDC K . 3.20 23.80 2.33
C5 ZDC K . 3.04 25.29 2.60
C6 ZDC K . 3.81 26.29 1.83
C7 ZDC K . 3.42 27.73 2.18
O2 ZDC K . 3.57 22.82 5.08
O3 ZDC K . 4.64 21.98 2.76
O4 ZDC K . 3.28 23.53 0.91
O5 ZDC K . 2.95 25.48 4.02
O7A ZDC K . 4.02 28.22 3.10
N NH2 L . 14.22 39.50 9.42
CA CA M . -15.21 -7.59 13.00
C1 ZDC N . -20.38 -5.84 14.97
C1M ZDC N . -21.35 -4.67 15.01
C2 ZDC N . -19.49 -5.75 13.71
C3 ZDC N . -18.41 -6.81 13.81
C4 ZDC N . -17.62 -6.68 15.10
C5 ZDC N . -18.63 -6.91 16.20
C6 ZDC N . -19.23 -8.23 16.47
C7 ZDC N . -20.23 -8.28 17.64
O2 ZDC N . -18.79 -4.49 13.62
O3 ZDC N . -17.48 -6.62 12.73
O4 ZDC N . -16.60 -7.72 15.11
O5 ZDC N . -19.56 -5.82 16.17
O7A ZDC N . -21.37 -8.51 17.33
N NH2 O . -35.72 -11.47 20.42
CA CA P . 13.49 -16.65 6.15
CA CA Q . 15.48 -15.60 3.16
C1 ZDC R . -1.13 -2.26 -26.98
C1M ZDC R . -1.10 -3.70 -27.49
C2 ZDC R . -1.61 -2.18 -25.50
C3 ZDC R . -1.44 -0.73 -25.08
C4 ZDC R . -0.05 -0.21 -25.29
C5 ZDC R . 0.22 -0.30 -26.79
C6 ZDC R . -0.23 0.71 -27.79
C7 ZDC R . 0.21 0.39 -29.23
O2 ZDC R . -0.75 -2.95 -24.63
O3 ZDC R . -1.68 -0.65 -23.65
O4 ZDC R . -0.02 1.18 -24.83
O5 ZDC R . 0.21 -1.70 -27.13
O7A ZDC R . -0.69 -0.07 -29.89
CA CA S . -0.56 -2.40 -22.26
C1 ZDC T . 18.59 -18.92 4.65
C1M ZDC T . 19.79 -18.88 3.71
C2 ZDC T . 17.86 -17.53 4.69
C3 ZDC T . 16.65 -17.69 5.58
C4 ZDC T . 15.75 -18.82 5.14
C5 ZDC T . 16.60 -20.09 5.15
C6 ZDC T . 16.87 -20.80 6.44
C7 ZDC T . 17.64 -22.11 6.27
O2 ZDC T . 17.38 -17.16 3.39
O3 ZDC T . 15.86 -16.48 5.46
O4 ZDC T . 14.62 -18.89 6.05
O5 ZDC T . 17.67 -19.96 4.22
O7A ZDC T . 17.10 -22.93 5.57
CA CA U . -0.84 1.31 -22.45
#